data_7TGQ
#
_entry.id   7TGQ
#
_cell.length_a   89.958
_cell.length_b   89.958
_cell.length_c   52.807
_cell.angle_alpha   90.000
_cell.angle_beta   90.000
_cell.angle_gamma   120.000
#
_symmetry.space_group_name_H-M   'P 3 2 1'
#
loop_
_entity.id
_entity.type
_entity.pdbx_description
1 polymer 'Zinc finger CCCH-type antiviral protein 1'
2 non-polymer 'ZINC ION'
3 non-polymer ADENOSINE-5-DIPHOSPHORIBOSE
4 non-polymer 'ACETATE ION'
5 water water
#
_entity_poly.entity_id   1
_entity_poly.type   'polypeptide(L)'
_entity_poly.pdbx_seq_one_letter_code
;STTSSRVDDHDSEEICLDHLCKGCPLNGSCSKVHFHLPYRWQMLIGKTWTDFEHMETIEKGYCNPGIHLCSVGSYTINFR
VMSCDSFPIRRLSTPSSVTKPANSVFTTKWIWYWKNESGTWIQYGEEKDKRKNSNVDSSYLESLYQSCPRGVVPFQAGSR
NYELSFQGMIQTNIASKTQKDVIRRPTFVPQWYVQQMKRGPD
;
_entity_poly.pdbx_strand_id   A
#
# COMPACT_ATOMS: atom_id res chain seq x y z
N SER A 12 -0.91 -8.84 16.63
CA SER A 12 -1.13 -7.78 15.63
C SER A 12 0.02 -7.74 14.62
N GLU A 13 -0.30 -7.42 13.37
CA GLU A 13 0.67 -7.30 12.30
C GLU A 13 0.94 -5.84 11.91
N GLU A 14 0.68 -4.90 12.84
CA GLU A 14 0.74 -3.47 12.59
C GLU A 14 1.99 -2.88 13.22
N ILE A 15 2.80 -2.20 12.40
CA ILE A 15 4.01 -1.57 12.92
C ILE A 15 3.62 -0.40 13.84
N CYS A 16 4.24 -0.36 15.00
CA CYS A 16 3.92 0.62 16.03
C CYS A 16 4.37 2.00 15.62
N LEU A 17 3.43 2.96 15.63
CA LEU A 17 3.76 4.34 15.31
C LEU A 17 4.58 4.99 16.42
N ASP A 18 4.23 4.69 17.67
CA ASP A 18 4.91 5.34 18.79
C ASP A 18 6.40 4.99 18.81
N HIS A 19 6.73 3.73 18.52
CA HIS A 19 8.14 3.33 18.54
C HIS A 19 8.96 4.10 17.52
N LEU A 20 8.34 4.48 16.40
CA LEU A 20 9.08 5.20 15.37
C LEU A 20 9.29 6.64 15.77
N CYS A 21 8.39 7.18 16.57
CA CYS A 21 8.39 8.61 16.82
C CYS A 21 9.02 8.86 18.20
N LYS A 22 8.24 9.31 19.17
CA LYS A 22 8.85 9.66 20.46
C LYS A 22 9.20 8.42 21.28
N GLY A 23 8.43 7.37 21.16
CA GLY A 23 8.73 6.12 21.84
C GLY A 23 7.47 5.44 22.34
N CYS A 24 7.49 4.11 22.35
CA CYS A 24 6.34 3.34 22.81
C CYS A 24 6.44 3.11 24.30
N PRO A 25 5.48 3.60 25.10
CA PRO A 25 5.53 3.34 26.54
C PRO A 25 5.44 1.86 26.90
N LEU A 26 4.78 1.04 26.06
CA LEU A 26 4.58 -0.36 26.36
C LEU A 26 5.88 -1.18 26.28
N ASN A 27 6.96 -0.60 25.77
CA ASN A 27 8.27 -1.26 25.77
C ASN A 27 8.10 -2.61 25.07
N GLY A 28 8.64 -3.70 25.61
CA GLY A 28 8.61 -5.00 24.95
C GLY A 28 7.31 -5.76 25.06
N SER A 29 6.31 -5.21 25.74
CA SER A 29 5.01 -5.85 25.87
C SER A 29 3.97 -5.27 24.92
N CYS A 30 4.36 -4.35 24.03
CA CYS A 30 3.45 -3.84 23.02
C CYS A 30 2.96 -4.98 22.13
N SER A 31 1.66 -5.00 21.86
CA SER A 31 1.11 -5.99 20.95
C SER A 31 1.55 -5.76 19.51
N LYS A 32 2.00 -4.54 19.19
CA LYS A 32 2.35 -4.16 17.83
C LYS A 32 3.81 -4.51 17.51
N VAL A 33 4.13 -4.47 16.23
CA VAL A 33 5.48 -4.73 15.76
C VAL A 33 6.33 -3.47 15.93
N HIS A 34 7.55 -3.65 16.40
CA HIS A 34 8.50 -2.55 16.56
C HIS A 34 9.60 -2.75 15.53
N PHE A 35 9.71 -1.81 14.59
CA PHE A 35 10.67 -1.90 13.51
C PHE A 35 11.12 -0.48 13.21
N HIS A 36 12.33 -0.36 12.67
CA HIS A 36 12.91 0.96 12.49
C HIS A 36 12.34 1.68 11.25
N LEU A 37 11.57 0.98 10.41
CA LEU A 37 10.97 1.53 9.22
C LEU A 37 9.45 1.41 9.30
N PRO A 38 8.71 2.23 8.56
CA PRO A 38 7.26 2.08 8.52
C PRO A 38 6.80 0.94 7.64
N TYR A 39 7.71 0.18 7.04
CA TYR A 39 7.38 -1.02 6.28
C TYR A 39 8.36 -2.11 6.68
N ARG A 40 7.89 -3.36 6.67
CA ARG A 40 8.78 -4.50 6.93
C ARG A 40 8.46 -5.65 5.98
N TRP A 41 9.38 -5.96 5.09
CA TRP A 41 9.16 -6.96 4.05
C TRP A 41 9.74 -8.28 4.52
N GLN A 42 8.95 -9.36 4.37
CA GLN A 42 9.31 -10.65 4.97
C GLN A 42 8.89 -11.80 4.05
N MET A 43 9.68 -12.89 4.10
CA MET A 43 9.41 -14.15 3.42
C MET A 43 9.05 -15.21 4.46
N LEU A 44 8.25 -16.19 4.05
CA LEU A 44 7.81 -17.25 4.97
C LEU A 44 8.64 -18.49 4.67
N ILE A 45 9.51 -18.87 5.62
CA ILE A 45 10.36 -20.04 5.51
C ILE A 45 10.00 -20.95 6.68
N GLY A 46 9.42 -22.10 6.36
CA GLY A 46 8.94 -22.96 7.42
C GLY A 46 7.78 -22.31 8.10
N LYS A 47 7.85 -22.21 9.43
CA LYS A 47 6.84 -21.54 10.23
C LYS A 47 7.39 -20.25 10.85
N THR A 48 8.32 -19.59 10.15
CA THR A 48 8.93 -18.35 10.61
C THR A 48 8.98 -17.34 9.47
N TRP A 49 8.43 -16.15 9.73
CA TRP A 49 8.55 -15.03 8.81
C TRP A 49 9.94 -14.42 8.94
N THR A 50 10.61 -14.23 7.80
CA THR A 50 12.01 -13.84 7.80
C THR A 50 12.21 -12.55 7.02
N ASP A 51 12.91 -11.59 7.63
CA ASP A 51 13.15 -10.29 7.02
C ASP A 51 13.98 -10.44 5.77
N PHE A 52 13.55 -9.79 4.68
CA PHE A 52 14.45 -9.64 3.56
C PHE A 52 15.61 -8.76 3.97
N GLU A 53 16.63 -8.69 3.09
CA GLU A 53 17.81 -7.89 3.37
C GLU A 53 17.66 -6.47 2.85
N HIS A 54 17.13 -6.31 1.63
CA HIS A 54 17.09 -5.02 0.98
C HIS A 54 15.65 -4.52 0.93
N MET A 55 15.09 -4.29 2.12
CA MET A 55 13.72 -3.82 2.24
C MET A 55 13.45 -2.57 1.39
N GLU A 56 14.38 -1.61 1.38
CA GLU A 56 14.12 -0.36 0.71
C GLU A 56 14.00 -0.57 -0.80
N THR A 57 14.86 -1.43 -1.38
CA THR A 57 14.78 -1.68 -2.82
C THR A 57 13.45 -2.32 -3.17
N ILE A 58 13.03 -3.29 -2.36
CA ILE A 58 11.74 -3.93 -2.56
C ILE A 58 10.62 -2.92 -2.48
N GLU A 59 10.61 -2.10 -1.42
CA GLU A 59 9.57 -1.10 -1.24
C GLU A 59 9.53 -0.14 -2.40
N LYS A 60 10.72 0.26 -2.90
CA LYS A 60 10.76 1.18 -4.04
C LYS A 60 10.09 0.54 -5.23
N GLY A 61 10.23 -0.77 -5.37
CA GLY A 61 9.58 -1.45 -6.48
C GLY A 61 8.08 -1.56 -6.28
N TYR A 62 7.67 -1.99 -5.08
CA TYR A 62 6.26 -2.03 -4.72
C TYR A 62 5.56 -0.70 -5.02
N CYS A 63 6.12 0.41 -4.54
CA CYS A 63 5.46 1.70 -4.67
C CYS A 63 5.37 2.20 -6.08
N ASN A 64 6.02 1.56 -7.05
CA ASN A 64 5.78 1.91 -8.44
C ASN A 64 4.63 1.05 -8.97
N PRO A 65 3.51 1.64 -9.37
CA PRO A 65 2.37 0.80 -9.78
C PRO A 65 2.64 0.06 -11.08
N GLY A 66 3.50 0.61 -11.95
CA GLY A 66 3.85 -0.07 -13.17
C GLY A 66 4.86 -1.16 -13.04
N ILE A 67 5.15 -1.61 -11.81
CA ILE A 67 6.19 -2.59 -11.53
C ILE A 67 5.58 -3.65 -10.64
N HIS A 68 5.43 -4.86 -11.17
CA HIS A 68 4.98 -5.98 -10.36
C HIS A 68 6.03 -7.03 -10.17
N LEU A 69 7.23 -6.83 -10.72
CA LEU A 69 8.36 -7.75 -10.60
C LEU A 69 9.53 -7.04 -9.95
N CYS A 70 10.19 -7.72 -9.03
CA CYS A 70 11.35 -7.14 -8.35
C CYS A 70 12.38 -8.23 -8.05
N SER A 71 13.53 -8.16 -8.70
CA SER A 71 14.61 -9.10 -8.45
C SER A 71 15.50 -8.50 -7.37
N VAL A 72 15.54 -9.15 -6.22
CA VAL A 72 16.35 -8.73 -5.09
C VAL A 72 17.12 -9.94 -4.59
N GLY A 73 18.43 -9.80 -4.45
CA GLY A 73 19.26 -10.97 -4.22
C GLY A 73 19.04 -11.97 -5.35
N SER A 74 19.03 -13.24 -4.99
CA SER A 74 18.68 -14.29 -5.95
C SER A 74 17.18 -14.41 -6.14
N TYR A 75 16.40 -13.73 -5.30
CA TYR A 75 14.94 -13.86 -5.31
C TYR A 75 14.32 -13.04 -6.44
N THR A 76 13.25 -13.59 -7.04
CA THR A 76 12.37 -12.87 -7.96
C THR A 76 11.01 -12.70 -7.28
N ILE A 77 10.64 -11.46 -6.97
CA ILE A 77 9.43 -11.15 -6.22
C ILE A 77 8.31 -10.75 -7.17
N ASN A 78 7.14 -11.34 -6.96
CA ASN A 78 5.93 -10.97 -7.68
C ASN A 78 4.99 -10.33 -6.69
N PHE A 79 4.74 -9.03 -6.87
CA PHE A 79 3.88 -8.31 -5.94
C PHE A 79 2.42 -8.73 -6.07
N ARG A 80 1.92 -8.83 -7.31
CA ARG A 80 0.56 -9.34 -7.56
C ARG A 80 0.24 -10.53 -6.67
N VAL A 81 1.09 -11.56 -6.73
CA VAL A 81 0.85 -12.78 -5.98
C VAL A 81 1.41 -12.74 -4.57
N MET A 82 2.27 -11.78 -4.25
CA MET A 82 2.96 -11.72 -2.96
C MET A 82 3.59 -13.06 -2.64
N SER A 83 4.42 -13.50 -3.57
CA SER A 83 5.26 -14.67 -3.36
C SER A 83 6.59 -14.39 -4.05
N CYS A 84 7.58 -15.19 -3.70
CA CYS A 84 8.86 -15.13 -4.37
C CYS A 84 9.40 -16.54 -4.58
N ASP A 85 10.05 -16.77 -5.73
CA ASP A 85 10.43 -18.12 -6.12
C ASP A 85 9.19 -18.99 -5.97
N SER A 86 9.15 -19.78 -4.90
CA SER A 86 7.92 -20.40 -4.46
C SER A 86 7.40 -19.85 -3.14
N PHE A 87 8.28 -19.21 -2.34
CA PHE A 87 7.93 -18.80 -0.98
C PHE A 87 6.97 -17.60 -0.96
N PRO A 88 6.10 -17.53 0.04
CA PRO A 88 5.17 -16.40 0.14
C PRO A 88 5.77 -15.24 0.94
N ILE A 89 5.39 -14.03 0.53
CA ILE A 89 5.95 -12.83 1.13
C ILE A 89 4.84 -11.96 1.70
N ARG A 90 5.25 -10.96 2.46
CA ARG A 90 4.33 -10.02 3.06
C ARG A 90 5.05 -8.72 3.37
N ARG A 91 4.24 -7.66 3.54
CA ARG A 91 4.73 -6.30 3.84
C ARG A 91 3.95 -5.80 5.04
N LEU A 92 4.56 -5.84 6.22
CA LEU A 92 3.97 -5.20 7.38
C LEU A 92 4.08 -3.68 7.22
N SER A 93 3.22 -2.95 7.92
CA SER A 93 2.98 -1.54 7.64
C SER A 93 2.51 -0.80 8.86
N THR A 94 2.85 0.47 8.94
CA THR A 94 2.14 1.36 9.83
C THR A 94 0.72 1.55 9.35
N PRO A 95 -0.17 2.03 10.20
CA PRO A 95 -1.55 2.25 9.77
C PRO A 95 -1.67 3.20 8.60
N SER A 96 -2.77 3.06 7.88
CA SER A 96 -3.07 3.99 6.79
C SER A 96 -3.25 5.39 7.31
N SER A 97 -2.78 6.37 6.53
CA SER A 97 -2.74 7.74 6.98
C SER A 97 -4.09 8.32 7.23
N VAL A 98 -5.14 7.81 6.59
CA VAL A 98 -6.46 8.37 6.85
C VAL A 98 -7.00 7.94 8.21
N THR A 99 -6.31 7.06 8.92
CA THR A 99 -6.78 6.56 10.20
C THR A 99 -6.16 7.32 11.38
N LYS A 100 -5.37 8.34 11.13
CA LYS A 100 -4.68 9.09 12.19
C LYS A 100 -4.57 10.54 11.75
N PRO A 101 -4.37 11.44 12.69
CA PRO A 101 -4.20 12.86 12.33
C PRO A 101 -3.02 13.07 11.38
N ALA A 102 -2.99 14.28 10.78
CA ALA A 102 -1.90 14.61 9.88
C ALA A 102 -0.56 14.73 10.60
N ASN A 103 -0.57 14.95 11.90
CA ASN A 103 0.67 14.98 12.66
C ASN A 103 1.41 13.66 12.64
N SER A 104 0.74 12.54 12.34
CA SER A 104 1.36 11.23 12.43
C SER A 104 2.09 11.03 11.12
N VAL A 105 3.36 11.48 11.09
CA VAL A 105 4.10 11.52 9.85
C VAL A 105 4.49 10.14 9.38
N PHE A 106 4.43 9.10 10.26
CA PHE A 106 4.90 7.78 9.85
C PHE A 106 3.79 6.87 9.36
N THR A 107 2.57 7.36 9.30
CA THR A 107 1.51 6.58 8.68
C THR A 107 1.80 6.35 7.21
N THR A 108 1.15 5.30 6.65
CA THR A 108 1.36 4.95 5.27
C THR A 108 0.35 5.67 4.41
N LYS A 109 0.83 6.35 3.38
CA LYS A 109 -0.01 7.09 2.43
C LYS A 109 -0.23 6.15 1.24
N TRP A 110 -1.46 5.74 1.04
CA TRP A 110 -1.84 4.82 -0.04
C TRP A 110 -2.46 5.60 -1.18
N ILE A 111 -1.88 5.47 -2.34
CA ILE A 111 -2.31 6.06 -3.57
C ILE A 111 -3.12 5.01 -4.36
N TRP A 112 -4.24 5.45 -4.93
CA TRP A 112 -5.13 4.62 -5.75
C TRP A 112 -4.99 5.08 -7.19
N TYR A 113 -4.80 4.13 -8.11
CA TYR A 113 -4.57 4.41 -9.52
C TYR A 113 -5.50 3.54 -10.37
N TRP A 114 -5.83 4.03 -11.54
CA TRP A 114 -6.50 3.28 -12.58
C TRP A 114 -5.68 3.32 -13.86
N LYS A 115 -5.72 2.24 -14.64
CA LYS A 115 -4.93 2.12 -15.87
C LYS A 115 -5.72 2.55 -17.10
N ASN A 116 -5.19 3.49 -17.85
CA ASN A 116 -5.95 4.18 -18.87
C ASN A 116 -5.86 3.45 -20.22
N GLU A 117 -6.49 4.08 -21.24
CA GLU A 117 -6.40 3.56 -22.60
C GLU A 117 -4.95 3.38 -23.00
N SER A 118 -4.14 4.45 -22.86
CA SER A 118 -2.72 4.43 -23.30
C SER A 118 -1.81 3.56 -22.43
N GLY A 119 -2.35 2.68 -21.57
CA GLY A 119 -1.59 1.69 -20.86
C GLY A 119 -1.00 2.13 -19.51
N THR A 120 -1.10 3.40 -19.15
CA THR A 120 -0.39 3.92 -17.98
C THR A 120 -1.32 4.09 -16.76
N TRP A 121 -0.70 4.31 -15.60
CA TRP A 121 -1.42 4.40 -14.33
C TRP A 121 -1.65 5.85 -13.97
N ILE A 122 -2.92 6.23 -13.80
CA ILE A 122 -3.35 7.58 -13.45
C ILE A 122 -3.89 7.56 -12.03
N GLN A 123 -3.44 8.50 -11.19
CA GLN A 123 -3.98 8.63 -9.85
C GLN A 123 -5.40 9.15 -9.91
N TYR A 124 -6.28 8.57 -9.12
CA TYR A 124 -7.62 9.12 -9.03
C TYR A 124 -7.53 10.56 -8.58
N GLY A 125 -8.32 11.42 -9.22
CA GLY A 125 -8.28 12.83 -8.93
C GLY A 125 -7.40 13.65 -9.86
N GLU A 126 -6.54 13.01 -10.65
CA GLU A 126 -5.62 13.76 -11.49
C GLU A 126 -6.11 13.86 -12.94
N ASN A 133 -12.24 14.52 -15.02
CA ASN A 133 -11.45 14.09 -13.87
C ASN A 133 -12.32 13.49 -12.77
N SER A 134 -11.87 12.36 -12.23
CA SER A 134 -12.63 11.64 -11.22
C SER A 134 -13.08 12.60 -10.13
N ASN A 135 -14.30 12.39 -9.62
CA ASN A 135 -14.76 13.09 -8.44
C ASN A 135 -14.46 12.32 -7.13
N VAL A 136 -13.45 11.44 -7.16
CA VAL A 136 -12.90 10.80 -5.98
C VAL A 136 -11.38 10.88 -6.04
N ASP A 137 -10.75 10.97 -4.87
CA ASP A 137 -9.29 11.03 -4.79
C ASP A 137 -8.79 9.92 -3.90
N SER A 138 -7.45 9.82 -3.78
CA SER A 138 -6.89 8.68 -3.06
C SER A 138 -7.36 8.67 -1.62
N SER A 139 -7.45 9.84 -0.97
CA SER A 139 -7.93 9.81 0.42
C SER A 139 -9.38 9.32 0.53
N TYR A 140 -10.26 9.81 -0.34
CA TYR A 140 -11.63 9.33 -0.39
C TYR A 140 -11.69 7.81 -0.45
N LEU A 141 -11.09 7.25 -1.51
CA LEU A 141 -11.17 5.82 -1.72
C LEU A 141 -10.57 5.10 -0.57
N GLU A 142 -9.42 5.57 -0.08
CA GLU A 142 -8.74 4.85 1.01
C GLU A 142 -9.63 4.84 2.25
N SER A 143 -10.26 5.97 2.55
CA SER A 143 -11.13 6.07 3.72
C SER A 143 -12.29 5.08 3.62
N LEU A 144 -12.97 5.08 2.46
CA LEU A 144 -14.05 4.11 2.25
C LEU A 144 -13.53 2.69 2.36
N TYR A 145 -12.36 2.42 1.75
CA TYR A 145 -11.79 1.09 1.76
C TYR A 145 -11.51 0.64 3.19
N GLN A 146 -11.00 1.56 4.03
CA GLN A 146 -10.76 1.21 5.42
C GLN A 146 -12.07 0.92 6.15
N SER A 147 -13.08 1.81 6.00
CA SER A 147 -14.34 1.58 6.71
C SER A 147 -15.19 0.51 6.05
N CYS A 148 -14.93 0.15 4.79
CA CYS A 148 -15.61 -1.01 4.20
C CYS A 148 -14.83 -1.66 3.06
N PRO A 149 -14.04 -2.69 3.33
CA PRO A 149 -13.15 -3.22 2.29
C PRO A 149 -13.85 -3.99 1.20
N ARG A 150 -15.11 -4.37 1.38
CA ARG A 150 -15.87 -5.06 0.33
C ARG A 150 -16.82 -4.09 -0.38
N GLY A 151 -16.58 -2.79 -0.25
CA GLY A 151 -17.48 -1.80 -0.80
C GLY A 151 -17.39 -1.68 -2.31
N VAL A 152 -18.35 -0.95 -2.86
CA VAL A 152 -18.37 -0.58 -4.26
C VAL A 152 -18.64 0.91 -4.31
N VAL A 153 -17.70 1.65 -4.88
CA VAL A 153 -17.72 3.11 -4.82
C VAL A 153 -18.24 3.62 -6.15
N PRO A 154 -19.38 4.28 -6.21
CA PRO A 154 -19.76 4.95 -7.44
C PRO A 154 -19.02 6.24 -7.59
N PHE A 155 -18.67 6.58 -8.83
CA PHE A 155 -18.06 7.88 -9.09
C PHE A 155 -18.31 8.28 -10.53
N GLN A 156 -17.93 9.50 -10.85
CA GLN A 156 -18.15 10.08 -12.15
C GLN A 156 -16.86 10.66 -12.67
N ALA A 157 -16.69 10.63 -13.98
CA ALA A 157 -15.56 11.28 -14.64
C ALA A 157 -16.02 11.79 -16.00
N GLY A 158 -15.85 13.08 -16.22
CA GLY A 158 -16.51 13.69 -17.35
C GLY A 158 -17.99 13.44 -17.18
N SER A 159 -18.63 13.02 -18.28
CA SER A 159 -20.04 12.68 -18.28
C SER A 159 -20.27 11.19 -18.12
N ARG A 160 -19.23 10.43 -17.75
CA ARG A 160 -19.36 8.99 -17.62
C ARG A 160 -19.43 8.59 -16.15
N ASN A 161 -20.03 7.44 -15.88
CA ASN A 161 -20.28 6.96 -14.53
C ASN A 161 -19.70 5.57 -14.35
N TYR A 162 -19.13 5.35 -13.18
CA TYR A 162 -18.36 4.14 -12.92
C TYR A 162 -18.69 3.61 -11.54
N GLU A 163 -18.33 2.35 -11.34
CA GLU A 163 -18.36 1.69 -10.04
C GLU A 163 -17.00 1.04 -9.82
N LEU A 164 -16.37 1.32 -8.67
CA LEU A 164 -15.09 0.73 -8.29
C LEU A 164 -15.33 -0.35 -7.26
N SER A 165 -15.03 -1.57 -7.62
CA SER A 165 -15.15 -2.72 -6.76
C SER A 165 -13.82 -2.98 -6.04
N PHE A 166 -13.81 -2.75 -4.72
CA PHE A 166 -12.61 -2.98 -3.92
C PHE A 166 -12.24 -4.45 -3.95
N GLN A 167 -13.20 -5.34 -3.66
CA GLN A 167 -12.89 -6.76 -3.56
C GLN A 167 -12.41 -7.32 -4.88
N GLY A 168 -12.80 -6.71 -6.00
CA GLY A 168 -12.24 -7.08 -7.27
C GLY A 168 -11.09 -6.20 -7.71
N MET A 169 -10.97 -5.02 -7.08
CA MET A 169 -9.99 -4.01 -7.48
C MET A 169 -10.09 -3.76 -8.97
N ILE A 170 -11.29 -3.37 -9.39
CA ILE A 170 -11.52 -2.98 -10.76
C ILE A 170 -12.51 -1.82 -10.76
N GLN A 171 -12.52 -1.06 -11.83
CA GLN A 171 -13.56 -0.08 -12.07
C GLN A 171 -14.31 -0.48 -13.34
N THR A 172 -15.65 -0.33 -13.31
CA THR A 172 -16.51 -0.63 -14.44
C THR A 172 -17.33 0.59 -14.81
N ASN A 173 -17.28 1.00 -16.07
CA ASN A 173 -18.21 2.00 -16.56
C ASN A 173 -19.60 1.36 -16.59
N ILE A 174 -20.56 1.95 -15.87
CA ILE A 174 -21.85 1.29 -15.69
C ILE A 174 -22.65 1.24 -17.00
N ALA A 175 -22.40 2.17 -17.92
CA ALA A 175 -23.09 2.15 -19.21
C ALA A 175 -22.53 1.06 -20.12
N SER A 176 -21.24 1.19 -20.51
CA SER A 176 -20.62 0.29 -21.47
C SER A 176 -20.11 -1.00 -20.86
N LYS A 177 -20.06 -1.09 -19.55
CA LYS A 177 -19.55 -2.25 -18.82
C LYS A 177 -18.07 -2.53 -19.12
N THR A 178 -17.37 -1.58 -19.72
CA THR A 178 -15.93 -1.69 -19.86
C THR A 178 -15.26 -1.71 -18.48
N GLN A 179 -14.24 -2.55 -18.34
CA GLN A 179 -13.54 -2.72 -17.08
C GLN A 179 -12.11 -2.21 -17.22
N LYS A 180 -11.55 -1.71 -16.10
CA LYS A 180 -10.17 -1.25 -16.03
C LYS A 180 -9.61 -1.61 -14.66
N ASP A 181 -8.34 -1.98 -14.63
CA ASP A 181 -7.75 -2.40 -13.38
C ASP A 181 -7.58 -1.19 -12.46
N VAL A 182 -7.59 -1.46 -11.17
CA VAL A 182 -7.32 -0.48 -10.13
C VAL A 182 -6.24 -1.07 -9.23
N ILE A 183 -5.32 -0.22 -8.77
CA ILE A 183 -4.22 -0.68 -7.93
C ILE A 183 -3.99 0.34 -6.82
N ARG A 184 -3.61 -0.18 -5.67
CA ARG A 184 -3.41 0.55 -4.43
C ARG A 184 -2.00 0.33 -3.96
N ARG A 185 -1.16 1.37 -4.00
CA ARG A 185 0.22 1.25 -3.55
C ARG A 185 0.66 2.42 -2.66
N PRO A 186 1.60 2.20 -1.76
CA PRO A 186 2.06 3.29 -0.88
C PRO A 186 2.93 4.27 -1.63
N THR A 187 3.10 5.45 -1.05
CA THR A 187 4.19 6.32 -1.46
C THR A 187 5.48 5.84 -0.79
N PHE A 188 6.58 6.00 -1.51
CA PHE A 188 7.88 5.50 -1.10
C PHE A 188 8.52 6.48 -0.14
N VAL A 189 9.15 5.93 0.90
CA VAL A 189 10.04 6.71 1.75
C VAL A 189 11.32 5.93 1.94
N PRO A 190 12.48 6.48 1.60
CA PRO A 190 13.74 5.80 1.86
C PRO A 190 14.12 5.94 3.31
N GLN A 191 14.95 5.01 3.76
CA GLN A 191 15.38 5.00 5.16
C GLN A 191 16.04 6.33 5.55
N TRP A 192 16.79 6.95 4.63
CA TRP A 192 17.44 8.21 5.02
C TRP A 192 16.41 9.28 5.33
N TYR A 193 15.26 9.25 4.66
CA TYR A 193 14.24 10.21 4.93
C TYR A 193 13.43 9.87 6.16
N VAL A 194 13.24 8.58 6.44
CA VAL A 194 12.68 8.18 7.73
C VAL A 194 13.53 8.74 8.85
N GLN A 195 14.88 8.66 8.71
CA GLN A 195 15.77 9.24 9.72
C GLN A 195 15.60 10.76 9.82
N GLN A 196 15.46 11.44 8.67
CA GLN A 196 15.17 12.87 8.76
C GLN A 196 13.87 13.10 9.55
N MET A 197 12.83 12.33 9.27
CA MET A 197 11.57 12.55 9.99
C MET A 197 11.74 12.32 11.47
N LYS A 198 12.64 11.40 11.88
CA LYS A 198 12.81 11.14 13.29
C LYS A 198 13.56 12.27 13.99
N ARG A 199 14.33 13.08 13.27
CA ARG A 199 14.83 14.34 13.81
C ARG A 199 13.59 15.26 13.96
#